data_8PM5
#
_entry.id   8PM5
#
_cell.length_a   39.015
_cell.length_b   134.298
_cell.length_c   65.625
_cell.angle_alpha   90.00
_cell.angle_beta   92.60
_cell.angle_gamma   90.00
#
_symmetry.space_group_name_H-M   'P 1 21 1'
#
loop_
_entity.id
_entity.type
_entity.pdbx_description
1 polymer 'BarH-like 2 homeobox protein'
2 polymer "DNA (5'-D(*CP*GP*CP*TP*AP*AP*AP*TP*GP*GP*TP*T)-3')"
3 polymer "DNA (5'-D(*AP*AP*CP*CP*AP*TP*TP*TP*AP*GP*CP*G)-3')"
4 water water
#
loop_
_entity_poly.entity_id
_entity_poly.type
_entity_poly.pdbx_seq_one_letter_code
_entity_poly.pdbx_strand_id
1 'polypeptide(L)' KPRKARTAFSDHQLNQLERSFERQKYLSVQDRMDLAAALNLTDTQVKTWYQNRRTKWKRQTA A,D,G,J,M,N
2 'polydeoxyribonucleotide' (DC)(DG)(DC)(DT)(DA)(DA)(DA)(DT)(DG)(DG)(DT)(DT) B,E,H,K
3 'polydeoxyribonucleotide' (DA)(DA)(DC)(DC)(DA)(DT)(DT)(DT)(DA)(DG)(DC)(DG) C,F,I,L
#
loop_
_chem_comp.id
_chem_comp.type
_chem_comp.name
_chem_comp.formula
DA DNA linking 2'-DEOXYADENOSINE-5'-MONOPHOSPHATE 'C10 H14 N5 O6 P'
DC DNA linking 2'-DEOXYCYTIDINE-5'-MONOPHOSPHATE 'C9 H14 N3 O7 P'
DG DNA linking 2'-DEOXYGUANOSINE-5'-MONOPHOSPHATE 'C10 H14 N5 O7 P'
DT DNA linking THYMIDINE-5'-MONOPHOSPHATE 'C10 H15 N2 O8 P'
#
# COMPACT_ATOMS: atom_id res chain seq x y z
N PRO A 2 18.36 24.66 -5.54
CA PRO A 2 17.06 23.99 -5.53
C PRO A 2 17.11 22.71 -4.70
N ARG A 3 16.30 22.66 -3.64
CA ARG A 3 16.36 21.62 -2.59
C ARG A 3 14.92 21.28 -2.20
N LYS A 4 14.63 20.03 -1.83
CA LYS A 4 13.30 19.69 -1.28
C LYS A 4 13.22 20.19 0.18
N ALA A 5 12.10 20.78 0.58
CA ALA A 5 11.77 20.97 2.00
C ALA A 5 11.95 19.62 2.70
N ARG A 6 12.46 19.64 3.94
CA ARG A 6 12.55 18.46 4.82
C ARG A 6 11.11 18.08 5.23
N THR A 7 10.66 16.89 4.88
CA THR A 7 9.39 16.33 5.38
C THR A 7 9.47 16.23 6.90
N ALA A 8 8.45 16.74 7.60
CA ALA A 8 8.17 16.43 9.02
C ALA A 8 7.11 15.35 9.04
N PHE A 9 7.51 14.10 9.37
CA PHE A 9 6.58 12.97 9.48
C PHE A 9 5.73 13.13 10.73
N SER A 10 4.45 12.79 10.61
CA SER A 10 3.49 12.72 11.74
C SER A 10 3.92 11.58 12.68
N ASP A 11 3.41 11.57 13.91
CA ASP A 11 3.58 10.46 14.87
C ASP A 11 3.05 9.17 14.22
N HIS A 12 1.86 9.25 13.59
CA HIS A 12 1.22 8.10 12.89
C HIS A 12 2.15 7.56 11.79
N GLN A 13 2.72 8.42 10.96
CA GLN A 13 3.61 7.99 9.85
C GLN A 13 4.85 7.29 10.41
N LEU A 14 5.53 7.88 11.42
CA LEU A 14 6.75 7.29 12.01
C LEU A 14 6.41 5.93 12.63
N ASN A 15 5.25 5.84 13.29
CA ASN A 15 4.81 4.59 13.92
C ASN A 15 4.66 3.49 12.86
N GLN A 16 4.05 3.81 11.70
CA GLN A 16 3.78 2.81 10.65
C GLN A 16 5.04 2.46 9.86
N LEU A 17 5.95 3.41 9.62
CA LEU A 17 7.24 3.15 8.93
C LEU A 17 8.08 2.18 9.78
N GLU A 18 8.19 2.44 11.07
CA GLU A 18 8.93 1.58 12.04
C GLU A 18 8.30 0.18 12.09
N ARG A 19 6.98 0.07 12.11
CA ARG A 19 6.27 -1.23 12.10
C ARG A 19 6.63 -1.95 10.80
N SER A 20 6.59 -1.24 9.67
CA SER A 20 6.93 -1.83 8.35
C SER A 20 8.37 -2.39 8.39
N PHE A 21 9.28 -1.64 9.00
CA PHE A 21 10.71 -1.97 9.07
C PHE A 21 10.93 -3.21 9.96
N GLU A 22 10.21 -3.33 11.08
CA GLU A 22 10.35 -4.49 11.99
C GLU A 22 9.86 -5.76 11.28
N ARG A 23 8.91 -5.64 10.34
CA ARG A 23 8.34 -6.77 9.56
C ARG A 23 9.27 -7.12 8.38
N GLN A 24 9.92 -6.13 7.77
CA GLN A 24 10.64 -6.27 6.47
C GLN A 24 11.73 -5.20 6.35
N LYS A 25 13.00 -5.62 6.34
CA LYS A 25 14.17 -4.73 6.12
C LYS A 25 14.13 -4.04 4.75
N TYR A 26 13.58 -4.72 3.73
CA TYR A 26 13.44 -4.23 2.34
C TYR A 26 11.99 -4.34 1.86
N LEU A 27 11.58 -3.44 0.98
CA LEU A 27 10.23 -3.44 0.35
C LEU A 27 10.38 -3.63 -1.16
N SER A 28 9.61 -4.55 -1.74
CA SER A 28 9.31 -4.58 -3.18
C SER A 28 8.78 -3.21 -3.63
N VAL A 29 8.82 -2.89 -4.92
CA VAL A 29 8.20 -1.66 -5.49
C VAL A 29 6.72 -1.60 -5.07
N GLN A 30 5.97 -2.69 -5.17
CA GLN A 30 4.49 -2.74 -4.92
C GLN A 30 4.20 -2.48 -3.44
N ASP A 31 4.96 -3.10 -2.52
CA ASP A 31 4.80 -2.88 -1.06
C ASP A 31 5.16 -1.43 -0.72
N ARG A 32 6.19 -0.88 -1.36
CA ARG A 32 6.63 0.52 -1.12
C ARG A 32 5.52 1.48 -1.53
N MET A 33 4.91 1.28 -2.70
CA MET A 33 3.88 2.17 -3.28
C MET A 33 2.62 2.04 -2.44
N ASP A 34 2.30 0.83 -1.95
CA ASP A 34 1.14 0.55 -1.05
C ASP A 34 1.33 1.31 0.26
N LEU A 35 2.55 1.28 0.82
CA LEU A 35 2.86 1.94 2.12
C LEU A 35 2.72 3.45 1.98
N ALA A 36 3.35 4.03 0.95
CA ALA A 36 3.27 5.47 0.64
C ALA A 36 1.82 5.88 0.56
N ALA A 37 1.01 5.17 -0.23
CA ALA A 37 -0.43 5.45 -0.40
C ALA A 37 -1.15 5.42 0.96
N ALA A 38 -0.85 4.41 1.80
CA ALA A 38 -1.49 4.20 3.13
C ALA A 38 -1.13 5.36 4.05
N LEU A 39 0.08 5.92 3.91
CA LEU A 39 0.59 6.99 4.81
C LEU A 39 0.42 8.36 4.17
N ASN A 40 -0.06 8.45 2.94
CA ASN A 40 -0.16 9.73 2.22
C ASN A 40 1.25 10.37 2.10
N LEU A 41 2.25 9.57 1.74
CA LEU A 41 3.62 10.02 1.40
C LEU A 41 3.92 9.65 -0.05
N THR A 42 4.97 10.20 -0.63
CA THR A 42 5.47 9.87 -1.98
C THR A 42 6.26 8.56 -1.87
N ASP A 43 6.26 7.80 -2.95
CA ASP A 43 7.13 6.61 -3.13
C ASP A 43 8.56 6.99 -2.72
N THR A 44 9.09 8.13 -3.16
CA THR A 44 10.51 8.49 -2.92
C THR A 44 10.72 8.81 -1.44
N GLN A 45 9.76 9.44 -0.77
CA GLN A 45 9.83 9.70 0.69
C GLN A 45 9.94 8.38 1.48
N VAL A 46 9.18 7.36 1.09
CA VAL A 46 9.24 6.03 1.76
C VAL A 46 10.56 5.34 1.38
N LYS A 47 11.00 5.42 0.12
CA LYS A 47 12.26 4.80 -0.32
C LYS A 47 13.42 5.41 0.47
N THR A 48 13.40 6.72 0.68
CA THR A 48 14.43 7.48 1.43
C THR A 48 14.37 7.11 2.91
N TRP A 49 13.18 7.03 3.49
CA TRP A 49 13.07 6.70 4.93
C TRP A 49 13.65 5.29 5.14
N TYR A 50 13.32 4.33 4.30
CA TYR A 50 13.79 2.93 4.40
C TYR A 50 15.31 2.92 4.28
N GLN A 51 15.86 3.68 3.33
CA GLN A 51 17.33 3.67 3.09
C GLN A 51 18.04 4.18 4.35
N ASN A 52 17.57 5.33 4.85
CA ASN A 52 18.18 6.01 6.00
C ASN A 52 17.99 5.12 7.23
N ARG A 53 16.88 4.39 7.31
CA ARG A 53 16.60 3.46 8.43
C ARG A 53 17.59 2.30 8.41
N ARG A 54 17.92 1.78 7.24
CA ARG A 54 18.93 0.70 7.10
C ARG A 54 20.31 1.23 7.56
N THR A 55 20.67 2.46 7.20
CA THR A 55 21.92 3.11 7.69
C THR A 55 21.95 3.12 9.23
N LYS A 56 20.86 3.58 9.83
CA LYS A 56 20.69 3.61 11.31
C LYS A 56 20.85 2.19 11.87
N TRP A 57 20.20 1.22 11.23
CA TRP A 57 20.18 -0.19 11.68
C TRP A 57 21.60 -0.75 11.77
N LYS A 58 22.45 -0.46 10.80
CA LYS A 58 23.87 -0.94 10.73
C LYS A 58 24.72 -0.36 11.86
N ARG A 59 24.46 0.90 12.22
CA ARG A 59 25.30 1.66 13.18
C ARG A 59 24.95 1.13 14.57
N GLN A 60 23.65 0.96 14.85
CA GLN A 60 23.18 0.47 16.18
C GLN A 60 23.30 -1.05 16.31
N THR A 61 23.66 -1.84 15.28
CA THR A 61 23.99 -3.29 15.45
C THR A 61 25.51 -3.49 15.46
N ALA A 62 26.29 -2.54 14.92
CA ALA A 62 27.77 -2.58 14.96
C ALA A 62 28.26 -3.29 16.22
N PRO D 2 21.11 -38.30 10.99
CA PRO D 2 19.68 -38.65 10.98
C PRO D 2 18.82 -37.41 11.25
N ARG D 3 17.97 -37.05 10.30
CA ARG D 3 17.39 -35.67 10.22
C ARG D 3 16.17 -35.55 11.14
N LYS D 4 16.04 -34.46 11.89
CA LYS D 4 14.89 -34.24 12.80
C LYS D 4 13.65 -33.89 11.94
N ALA D 5 12.51 -34.47 12.32
CA ALA D 5 11.20 -34.13 11.72
C ALA D 5 11.06 -32.60 11.76
N ARG D 6 10.48 -32.02 10.71
CA ARG D 6 10.13 -30.58 10.66
C ARG D 6 9.01 -30.33 11.69
N THR D 7 9.27 -29.46 12.65
CA THR D 7 8.25 -28.90 13.56
C THR D 7 7.16 -28.21 12.72
N ALA D 8 5.89 -28.56 12.99
CA ALA D 8 4.70 -27.79 12.58
C ALA D 8 4.30 -26.89 13.75
N PHE D 9 4.54 -25.59 13.65
CA PHE D 9 4.09 -24.62 14.69
C PHE D 9 2.58 -24.40 14.58
N SER D 10 1.90 -24.30 15.71
CA SER D 10 0.47 -23.91 15.78
C SER D 10 0.31 -22.45 15.31
N ASP D 11 -0.92 -22.04 14.99
CA ASP D 11 -1.23 -20.64 14.62
C ASP D 11 -0.88 -19.74 15.83
N HIS D 12 -1.24 -20.17 17.06
CA HIS D 12 -0.90 -19.45 18.31
C HIS D 12 0.61 -19.23 18.43
N GLN D 13 1.42 -20.27 18.20
CA GLN D 13 2.89 -20.17 18.35
C GLN D 13 3.45 -19.18 17.34
N LEU D 14 3.05 -19.28 16.09
CA LEU D 14 3.55 -18.39 14.99
C LEU D 14 3.15 -16.96 15.29
N ASN D 15 1.94 -16.75 15.79
CA ASN D 15 1.46 -15.41 16.16
C ASN D 15 2.36 -14.79 17.23
N GLN D 16 2.74 -15.56 18.25
CA GLN D 16 3.53 -15.02 19.39
C GLN D 16 5.01 -14.86 18.98
N LEU D 17 5.58 -15.77 18.15
CA LEU D 17 6.98 -15.65 17.68
C LEU D 17 7.12 -14.37 16.82
N GLU D 18 6.17 -14.13 15.91
CA GLU D 18 6.14 -12.93 15.03
C GLU D 18 6.02 -11.66 15.89
N ARG D 19 5.16 -11.67 16.93
CA ARG D 19 5.01 -10.51 17.84
C ARG D 19 6.36 -10.26 18.52
N SER D 20 6.98 -11.32 19.03
CA SER D 20 8.29 -11.22 19.71
C SER D 20 9.31 -10.60 18.76
N PHE D 21 9.33 -11.04 17.51
CA PHE D 21 10.31 -10.64 16.48
C PHE D 21 10.12 -9.16 16.11
N GLU D 22 8.88 -8.68 16.00
CA GLU D 22 8.66 -7.27 15.62
C GLU D 22 9.12 -6.37 16.78
N ARG D 23 9.10 -6.85 18.02
CA ARG D 23 9.55 -6.11 19.23
C ARG D 23 11.08 -6.17 19.37
N GLN D 24 11.70 -7.29 19.00
CA GLN D 24 13.13 -7.60 19.31
C GLN D 24 13.70 -8.57 18.27
N LYS D 25 14.59 -8.07 17.39
CA LYS D 25 15.20 -8.89 16.33
C LYS D 25 16.14 -9.94 16.96
N TYR D 26 16.75 -9.60 18.10
CA TYR D 26 17.71 -10.49 18.82
C TYR D 26 17.30 -10.57 20.27
N LEU D 27 17.45 -11.78 20.82
CA LEU D 27 16.96 -12.16 22.16
C LEU D 27 18.18 -12.58 23.00
N SER D 28 18.30 -12.04 24.20
CA SER D 28 19.12 -12.58 25.31
C SER D 28 18.78 -14.06 25.50
N VAL D 29 19.70 -14.83 26.09
CA VAL D 29 19.46 -16.27 26.41
C VAL D 29 18.15 -16.38 27.23
N GLN D 30 17.98 -15.53 28.25
CA GLN D 30 16.89 -15.60 29.24
C GLN D 30 15.54 -15.28 28.57
N ASP D 31 15.47 -14.28 27.72
CA ASP D 31 14.22 -13.94 26.96
C ASP D 31 13.88 -15.08 26.01
N ARG D 32 14.89 -15.68 25.38
CA ARG D 32 14.66 -16.81 24.43
C ARG D 32 14.06 -18.00 25.18
N MET D 33 14.61 -18.35 26.34
CA MET D 33 14.19 -19.51 27.13
C MET D 33 12.80 -19.24 27.73
N ASP D 34 12.52 -18.00 28.13
CA ASP D 34 11.20 -17.53 28.63
C ASP D 34 10.15 -17.69 27.51
N LEU D 35 10.48 -17.33 26.28
CA LEU D 35 9.57 -17.42 25.10
C LEU D 35 9.24 -18.89 24.82
N ALA D 36 10.27 -19.73 24.69
CA ALA D 36 10.14 -21.19 24.49
C ALA D 36 9.19 -21.77 25.57
N ALA D 37 9.44 -21.46 26.83
CA ALA D 37 8.64 -21.92 27.98
C ALA D 37 7.18 -21.49 27.82
N ALA D 38 6.96 -20.23 27.41
CA ALA D 38 5.61 -19.62 27.26
C ALA D 38 4.87 -20.34 26.13
N LEU D 39 5.60 -20.75 25.09
CA LEU D 39 4.99 -21.36 23.88
C LEU D 39 5.04 -22.88 23.93
N ASN D 40 5.67 -23.45 24.95
CA ASN D 40 5.81 -24.93 25.09
C ASN D 40 6.58 -25.45 23.87
N LEU D 41 7.68 -24.77 23.53
CA LEU D 41 8.66 -25.21 22.50
C LEU D 41 10.00 -25.41 23.20
N THR D 42 10.94 -26.05 22.50
CA THR D 42 12.35 -26.16 22.96
C THR D 42 13.05 -24.83 22.68
N ASP D 43 14.05 -24.54 23.52
CA ASP D 43 14.98 -23.41 23.33
C ASP D 43 15.49 -23.45 21.89
N THR D 44 15.88 -24.62 21.38
CA THR D 44 16.53 -24.77 20.05
C THR D 44 15.51 -24.43 18.95
N GLN D 45 14.26 -24.86 19.10
CA GLN D 45 13.16 -24.56 18.13
C GLN D 45 12.98 -23.04 18.00
N VAL D 46 13.00 -22.31 19.12
CA VAL D 46 12.84 -20.83 19.13
C VAL D 46 14.11 -20.21 18.55
N LYS D 47 15.29 -20.71 18.89
CA LYS D 47 16.58 -20.17 18.37
C LYS D 47 16.59 -20.31 16.85
N THR D 48 16.15 -21.45 16.34
CA THR D 48 16.09 -21.76 14.89
C THR D 48 15.04 -20.87 14.22
N TRP D 49 13.87 -20.72 14.83
CA TRP D 49 12.82 -19.89 14.20
C TRP D 49 13.32 -18.46 14.08
N TYR D 50 13.94 -17.92 15.13
CA TYR D 50 14.47 -16.53 15.15
C TYR D 50 15.54 -16.41 14.06
N GLN D 51 16.43 -17.38 13.95
CA GLN D 51 17.55 -17.31 12.96
C GLN D 51 16.95 -17.26 11.53
N ASN D 52 16.03 -18.20 11.24
CA ASN D 52 15.45 -18.33 9.89
C ASN D 52 14.62 -17.08 9.62
N ARG D 53 14.01 -16.50 10.68
CA ARG D 53 13.18 -15.28 10.55
C ARG D 53 14.07 -14.09 10.20
N ARG D 54 15.27 -14.02 10.78
CA ARG D 54 16.25 -12.94 10.49
C ARG D 54 16.65 -13.05 9.00
N THR D 55 16.89 -14.25 8.50
CA THR D 55 17.20 -14.49 7.07
C THR D 55 16.09 -13.91 6.19
N LYS D 56 14.85 -14.27 6.51
CA LYS D 56 13.66 -13.79 5.77
C LYS D 56 13.61 -12.27 5.80
N TRP D 57 13.83 -11.69 6.99
CA TRP D 57 13.72 -10.24 7.24
C TRP D 57 14.69 -9.46 6.34
N LYS D 58 15.93 -9.97 6.16
CA LYS D 58 16.98 -9.22 5.41
C LYS D 58 16.89 -9.52 3.91
N ARG D 59 15.93 -10.31 3.43
CA ARG D 59 15.91 -10.83 2.04
C ARG D 59 15.64 -9.74 0.99
N GLN D 60 16.24 -9.93 -0.19
CA GLN D 60 15.81 -9.41 -1.54
C GLN D 60 16.26 -7.95 -1.68
N THR D 61 17.27 -7.57 -0.89
CA THR D 61 18.10 -6.34 -1.01
C THR D 61 17.94 -5.68 -2.38
N LYS G 1 -0.98 -6.89 -10.71
CA LYS G 1 0.47 -7.29 -10.81
C LYS G 1 1.36 -6.04 -10.75
N PRO G 2 2.57 -6.14 -10.13
CA PRO G 2 3.43 -5.00 -9.84
C PRO G 2 3.53 -3.91 -10.91
N ARG G 3 3.43 -2.63 -10.53
CA ARG G 3 3.66 -1.47 -11.44
C ARG G 3 5.13 -1.03 -11.38
N LYS G 4 5.62 -0.39 -12.43
CA LYS G 4 6.88 0.41 -12.36
C LYS G 4 6.62 1.71 -11.59
N ALA G 5 7.57 2.12 -10.75
CA ALA G 5 7.72 3.48 -10.20
C ALA G 5 7.49 4.49 -11.31
N ARG G 6 6.76 5.57 -11.04
CA ARG G 6 6.55 6.70 -11.99
C ARG G 6 7.88 7.46 -12.14
N THR G 7 8.47 7.51 -13.34
CA THR G 7 9.60 8.43 -13.62
C THR G 7 9.15 9.89 -13.40
N ALA G 8 9.92 10.64 -12.63
CA ALA G 8 9.88 12.12 -12.55
C ALA G 8 10.94 12.68 -13.52
N PHE G 9 10.52 13.27 -14.62
CA PHE G 9 11.45 13.91 -15.58
C PHE G 9 11.95 15.23 -15.02
N SER G 10 13.23 15.55 -15.22
CA SER G 10 13.81 16.89 -14.92
C SER G 10 13.21 17.94 -15.88
N ASP G 11 13.36 19.21 -15.54
CA ASP G 11 13.00 20.36 -16.41
C ASP G 11 13.79 20.24 -17.72
N HIS G 12 15.09 19.92 -17.65
CA HIS G 12 15.97 19.72 -18.84
C HIS G 12 15.40 18.61 -19.73
N GLN G 13 15.01 17.48 -19.17
CA GLN G 13 14.45 16.35 -19.96
C GLN G 13 13.15 16.78 -20.66
N LEU G 14 12.22 17.40 -19.94
CA LEU G 14 10.91 17.85 -20.51
C LEU G 14 11.17 18.87 -21.63
N ASN G 15 12.14 19.77 -21.42
CA ASN G 15 12.51 20.77 -22.44
C ASN G 15 12.96 20.11 -23.74
N GLN G 16 13.77 19.05 -23.63
CA GLN G 16 14.36 18.39 -24.84
C GLN G 16 13.33 17.48 -25.49
N LEU G 17 12.47 16.81 -24.72
CA LEU G 17 11.40 15.94 -25.26
C LEU G 17 10.41 16.81 -26.07
N GLU G 18 9.99 17.94 -25.51
CA GLU G 18 9.06 18.91 -26.17
C GLU G 18 9.69 19.43 -27.47
N ARG G 19 10.99 19.78 -27.44
CA ARG G 19 11.70 20.27 -28.64
C ARG G 19 11.66 19.16 -29.70
N SER G 20 11.96 17.92 -29.27
CA SER G 20 11.99 16.75 -30.18
C SER G 20 10.62 16.60 -30.84
N PHE G 21 9.56 16.73 -30.04
CA PHE G 21 8.16 16.52 -30.51
C PHE G 21 7.74 17.62 -31.49
N GLU G 22 8.13 18.87 -31.25
CA GLU G 22 7.74 20.00 -32.15
C GLU G 22 8.41 19.78 -33.51
N ARG G 23 9.59 19.14 -33.55
CA ARG G 23 10.36 18.88 -34.79
C ARG G 23 9.84 17.63 -35.51
N GLN G 24 9.39 16.62 -34.76
CA GLN G 24 9.04 15.27 -35.30
C GLN G 24 8.01 14.59 -34.40
N LYS G 25 6.78 14.42 -34.90
CA LYS G 25 5.67 13.80 -34.14
C LYS G 25 5.97 12.32 -33.88
N TYR G 26 6.67 11.65 -34.80
CA TYR G 26 7.06 10.22 -34.72
C TYR G 26 8.56 10.06 -34.92
N LEU G 27 9.17 9.12 -34.20
CA LEU G 27 10.63 8.88 -34.24
C LEU G 27 10.93 7.48 -34.74
N SER G 28 11.85 7.34 -35.67
CA SER G 28 12.54 6.08 -36.00
C SER G 28 13.11 5.46 -34.72
N VAL G 29 13.35 4.14 -34.73
CA VAL G 29 14.01 3.40 -33.62
C VAL G 29 15.33 4.12 -33.28
N GLN G 30 16.15 4.46 -34.28
CA GLN G 30 17.53 5.02 -34.11
C GLN G 30 17.46 6.40 -33.43
N ASP G 31 16.56 7.28 -33.87
CA ASP G 31 16.38 8.63 -33.27
C ASP G 31 15.90 8.48 -31.84
N ARG G 32 15.01 7.52 -31.59
CA ARG G 32 14.43 7.32 -30.25
C ARG G 32 15.52 6.86 -29.28
N MET G 33 16.35 5.93 -29.69
CA MET G 33 17.41 5.35 -28.84
C MET G 33 18.49 6.42 -28.61
N ASP G 34 18.79 7.23 -29.64
CA ASP G 34 19.75 8.36 -29.56
C ASP G 34 19.25 9.40 -28.54
N LEU G 35 17.96 9.70 -28.54
CA LEU G 35 17.33 10.71 -27.64
C LEU G 35 17.41 10.22 -26.19
N ALA G 36 16.99 8.98 -25.95
CA ALA G 36 17.08 8.33 -24.62
C ALA G 36 18.51 8.46 -24.11
N ALA G 37 19.50 8.05 -24.90
CA ALA G 37 20.94 8.11 -24.52
C ALA G 37 21.33 9.55 -24.16
N ALA G 38 20.90 10.53 -24.97
CA ALA G 38 21.24 11.95 -24.79
C ALA G 38 20.61 12.48 -23.49
N LEU G 39 19.44 11.97 -23.11
CA LEU G 39 18.70 12.46 -21.91
C LEU G 39 18.94 11.55 -20.71
N ASN G 40 19.67 10.44 -20.88
CA ASN G 40 19.94 9.49 -19.78
C ASN G 40 18.60 8.92 -19.30
N LEU G 41 17.75 8.51 -20.24
CA LEU G 41 16.47 7.81 -19.98
C LEU G 41 16.55 6.47 -20.70
N THR G 42 15.62 5.57 -20.37
CA THR G 42 15.44 4.30 -21.09
C THR G 42 14.73 4.55 -22.42
N ASP G 43 15.02 3.71 -23.41
CA ASP G 43 14.29 3.68 -24.68
C ASP G 43 12.77 3.69 -24.39
N THR G 44 12.30 2.85 -23.46
CA THR G 44 10.84 2.66 -23.19
C THR G 44 10.27 3.96 -22.60
N GLN G 45 11.02 4.64 -21.72
CA GLN G 45 10.59 5.92 -21.12
C GLN G 45 10.34 6.97 -22.21
N VAL G 46 11.22 7.04 -23.22
CA VAL G 46 11.07 7.99 -24.34
C VAL G 46 9.90 7.53 -25.23
N LYS G 47 9.78 6.24 -25.49
CA LYS G 47 8.69 5.69 -26.34
C LYS G 47 7.34 6.05 -25.71
N THR G 48 7.24 5.86 -24.40
CA THR G 48 6.01 6.14 -23.61
C THR G 48 5.75 7.65 -23.57
N TRP G 49 6.77 8.48 -23.37
CA TRP G 49 6.54 9.95 -23.31
C TRP G 49 5.99 10.40 -24.68
N TYR G 50 6.56 9.93 -25.77
CA TYR G 50 6.13 10.32 -27.14
C TYR G 50 4.68 9.85 -27.31
N GLN G 51 4.36 8.63 -26.91
CA GLN G 51 2.99 8.08 -27.12
C GLN G 51 1.98 8.95 -26.36
N ASN G 52 2.26 9.21 -25.08
CA ASN G 52 1.37 10.01 -24.20
C ASN G 52 1.28 11.42 -24.75
N ARG G 53 2.36 11.95 -25.31
CA ARG G 53 2.40 13.32 -25.89
C ARG G 53 1.52 13.37 -27.14
N ARG G 54 1.52 12.32 -27.96
CA ARG G 54 0.63 12.25 -29.15
C ARG G 54 -0.84 12.22 -28.67
N THR G 55 -1.16 11.46 -27.62
CA THR G 55 -2.52 11.44 -27.02
C THR G 55 -2.94 12.86 -26.64
N LYS G 56 -2.07 13.57 -25.93
CA LYS G 56 -2.32 14.96 -25.48
C LYS G 56 -2.55 15.82 -26.72
N TRP G 57 -1.69 15.68 -27.74
CA TRP G 57 -1.71 16.50 -28.97
C TRP G 57 -3.07 16.37 -29.66
N LYS G 58 -3.63 15.17 -29.74
CA LYS G 58 -4.93 14.88 -30.41
C LYS G 58 -6.10 15.49 -29.66
N ARG G 59 -6.03 15.53 -28.33
CA ARG G 59 -7.13 16.03 -27.46
C ARG G 59 -7.18 17.55 -27.58
N GLN G 60 -6.00 18.20 -27.55
CA GLN G 60 -5.77 19.66 -27.69
C GLN G 60 -6.08 20.17 -29.10
N THR G 61 -6.05 19.29 -30.11
CA THR G 61 -6.11 19.61 -31.57
C THR G 61 -7.53 19.39 -32.10
N ALA G 62 -8.36 18.52 -31.51
CA ALA G 62 -9.79 18.37 -31.88
C ALA G 62 -10.55 19.66 -31.60
N ARG J 3 -6.99 -17.95 10.60
CA ARG J 3 -7.69 -16.88 11.42
C ARG J 3 -7.29 -15.52 10.87
N LYS J 4 -8.24 -14.59 10.74
CA LYS J 4 -7.94 -13.20 10.29
C LYS J 4 -7.31 -12.45 11.47
N ALA J 5 -6.25 -11.68 11.23
CA ALA J 5 -5.68 -10.75 12.21
C ALA J 5 -6.83 -9.86 12.69
N ARG J 6 -6.76 -9.46 13.96
CA ARG J 6 -7.60 -8.41 14.59
C ARG J 6 -7.44 -7.08 13.82
N THR J 7 -8.53 -6.53 13.32
CA THR J 7 -8.56 -5.08 12.95
C THR J 7 -8.22 -4.23 14.19
N ALA J 8 -7.26 -3.32 14.06
CA ALA J 8 -7.01 -2.20 14.99
C ALA J 8 -7.66 -0.97 14.37
N PHE J 9 -8.77 -0.53 14.94
CA PHE J 9 -9.49 0.69 14.51
C PHE J 9 -8.69 1.91 14.97
N SER J 10 -8.65 2.94 14.11
CA SER J 10 -8.13 4.29 14.45
C SER J 10 -9.02 4.93 15.53
N ASP J 11 -8.52 5.95 16.19
CA ASP J 11 -9.30 6.78 17.15
C ASP J 11 -10.49 7.39 16.39
N HIS J 12 -10.29 7.91 15.17
CA HIS J 12 -11.37 8.46 14.31
C HIS J 12 -12.47 7.41 14.07
N GLN J 13 -12.09 6.18 13.70
CA GLN J 13 -13.07 5.10 13.42
C GLN J 13 -13.89 4.77 14.68
N LEU J 14 -13.23 4.59 15.84
CA LEU J 14 -13.91 4.27 17.13
C LEU J 14 -14.86 5.41 17.50
N ASN J 15 -14.42 6.65 17.29
CA ASN J 15 -15.24 7.84 17.61
C ASN J 15 -16.53 7.81 16.77
N GLN J 16 -16.44 7.49 15.47
CA GLN J 16 -17.61 7.54 14.57
C GLN J 16 -18.54 6.34 14.81
N LEU J 17 -17.98 5.15 15.09
CA LEU J 17 -18.77 3.93 15.37
C LEU J 17 -19.60 4.14 16.64
N GLU J 18 -18.96 4.66 17.71
CA GLU J 18 -19.63 4.95 19.01
C GLU J 18 -20.74 5.98 18.80
N ARG J 19 -20.49 7.05 18.03
CA ARG J 19 -21.50 8.09 17.76
C ARG J 19 -22.68 7.42 17.05
N SER J 20 -22.38 6.61 16.03
CA SER J 20 -23.44 5.91 15.24
C SER J 20 -24.29 5.06 16.18
N PHE J 21 -23.64 4.36 17.11
CA PHE J 21 -24.30 3.40 18.02
C PHE J 21 -25.19 4.14 19.02
N GLU J 22 -24.76 5.29 19.54
CA GLU J 22 -25.57 6.05 20.53
C GLU J 22 -26.85 6.58 19.82
N ARG J 23 -26.79 6.84 18.50
CA ARG J 23 -27.94 7.33 17.70
C ARG J 23 -28.86 6.17 17.30
N GLN J 24 -28.29 4.98 17.03
CA GLN J 24 -29.01 3.83 16.42
C GLN J 24 -28.33 2.52 16.80
N LYS J 25 -29.01 1.70 17.61
CA LYS J 25 -28.48 0.38 18.05
C LYS J 25 -28.42 -0.58 16.87
N TYR J 26 -29.33 -0.42 15.90
CA TYR J 26 -29.41 -1.24 14.66
C TYR J 26 -29.40 -0.34 13.43
N LEU J 27 -28.75 -0.82 12.38
CA LEU J 27 -28.53 -0.11 11.12
C LEU J 27 -29.22 -0.86 9.98
N SER J 28 -30.02 -0.15 9.18
CA SER J 28 -30.45 -0.61 7.83
C SER J 28 -29.20 -1.00 7.02
N VAL J 29 -29.38 -1.84 5.99
CA VAL J 29 -28.30 -2.27 5.05
C VAL J 29 -27.58 -1.00 4.52
N GLN J 30 -28.37 0.00 4.09
CA GLN J 30 -27.89 1.23 3.38
C GLN J 30 -27.03 2.08 4.34
N ASP J 31 -27.50 2.29 5.57
CA ASP J 31 -26.76 3.07 6.60
C ASP J 31 -25.47 2.31 6.94
N ARG J 32 -25.50 0.98 7.01
CA ARG J 32 -24.33 0.16 7.40
C ARG J 32 -23.24 0.31 6.32
N MET J 33 -23.65 0.20 5.06
CA MET J 33 -22.71 0.22 3.92
C MET J 33 -22.17 1.64 3.76
N ASP J 34 -23.01 2.65 4.00
CA ASP J 34 -22.60 4.10 3.98
C ASP J 34 -21.58 4.36 5.07
N LEU J 35 -21.75 3.79 6.27
CA LEU J 35 -20.86 3.99 7.45
C LEU J 35 -19.49 3.39 7.12
N ALA J 36 -19.47 2.13 6.67
CA ALA J 36 -18.24 1.42 6.24
C ALA J 36 -17.49 2.30 5.25
N ALA J 37 -18.16 2.74 4.18
CA ALA J 37 -17.57 3.59 3.12
C ALA J 37 -16.99 4.87 3.73
N ALA J 38 -17.71 5.52 4.64
CA ALA J 38 -17.32 6.82 5.27
C ALA J 38 -16.06 6.59 6.13
N LEU J 39 -15.94 5.42 6.75
CA LEU J 39 -14.81 5.12 7.67
C LEU J 39 -13.71 4.34 6.98
N ASN J 40 -13.93 3.96 5.72
CA ASN J 40 -12.92 3.21 4.92
C ASN J 40 -12.68 1.85 5.60
N LEU J 41 -13.77 1.20 5.99
CA LEU J 41 -13.78 -0.19 6.51
C LEU J 41 -14.66 -1.03 5.58
N THR J 42 -14.57 -2.36 5.73
CA THR J 42 -15.44 -3.32 5.02
C THR J 42 -16.80 -3.35 5.70
N ASP J 43 -17.82 -3.64 4.90
CA ASP J 43 -19.17 -3.94 5.39
C ASP J 43 -19.08 -4.92 6.57
N THR J 44 -18.30 -6.01 6.44
CA THR J 44 -18.22 -7.07 7.48
C THR J 44 -17.62 -6.51 8.77
N GLN J 45 -16.57 -5.68 8.66
CA GLN J 45 -15.90 -5.05 9.83
C GLN J 45 -16.91 -4.22 10.64
N VAL J 46 -17.75 -3.44 9.96
CA VAL J 46 -18.79 -2.60 10.62
C VAL J 46 -19.90 -3.51 11.16
N LYS J 47 -20.32 -4.53 10.43
CA LYS J 47 -21.39 -5.46 10.89
C LYS J 47 -20.91 -6.13 12.19
N THR J 48 -19.66 -6.56 12.23
CA THR J 48 -19.03 -7.24 13.40
C THR J 48 -18.89 -6.24 14.56
N TRP J 49 -18.45 -5.00 14.30
CA TRP J 49 -18.29 -4.03 15.40
C TRP J 49 -19.65 -3.77 16.02
N TYR J 50 -20.69 -3.57 15.22
CA TYR J 50 -22.06 -3.28 15.71
C TYR J 50 -22.52 -4.48 16.53
N GLN J 51 -22.30 -5.70 16.06
CA GLN J 51 -22.78 -6.91 16.75
C GLN J 51 -22.12 -7.00 18.12
N ASN J 52 -20.80 -6.86 18.15
CA ASN J 52 -20.00 -6.99 19.40
C ASN J 52 -20.40 -5.84 20.32
N ARG J 53 -20.70 -4.68 19.77
CA ARG J 53 -21.11 -3.49 20.58
C ARG J 53 -22.48 -3.74 21.20
N ARG J 54 -23.39 -4.40 20.49
CA ARG J 54 -24.72 -4.80 21.04
C ARG J 54 -24.51 -5.78 22.21
N THR J 55 -23.60 -6.75 22.08
CA THR J 55 -23.25 -7.69 23.17
C THR J 55 -22.81 -6.89 24.40
N LYS J 56 -21.89 -5.95 24.21
CA LYS J 56 -21.36 -5.12 25.31
C LYS J 56 -22.52 -4.33 25.95
N TRP J 57 -23.38 -3.75 25.12
CA TRP J 57 -24.52 -2.89 25.56
C TRP J 57 -25.46 -3.68 26.47
N LYS J 58 -25.71 -4.96 26.19
CA LYS J 58 -26.62 -5.84 26.98
C LYS J 58 -26.05 -6.15 28.37
N ARG J 59 -24.72 -6.24 28.50
CA ARG J 59 -24.08 -6.50 29.83
C ARG J 59 -24.18 -5.24 30.67
N GLN J 60 -23.88 -4.08 30.06
CA GLN J 60 -23.81 -2.73 30.67
C GLN J 60 -25.18 -2.15 31.07
N THR J 61 -26.29 -2.60 30.44
CA THR J 61 -27.70 -2.17 30.77
C THR J 61 -28.26 -3.06 31.90
N PHE M 9 -25.32 11.48 -6.55
CA PHE M 9 -25.81 10.09 -6.61
C PHE M 9 -26.97 9.89 -5.62
N SER M 10 -27.98 9.15 -6.05
CA SER M 10 -29.11 8.68 -5.21
C SER M 10 -28.59 7.69 -4.16
N ASP M 11 -29.38 7.45 -3.12
CA ASP M 11 -29.11 6.38 -2.10
C ASP M 11 -28.97 5.03 -2.82
N HIS M 12 -29.87 4.71 -3.76
CA HIS M 12 -29.84 3.46 -4.56
C HIS M 12 -28.52 3.33 -5.32
N GLN M 13 -28.07 4.39 -5.99
CA GLN M 13 -26.80 4.35 -6.77
C GLN M 13 -25.61 4.06 -5.85
N LEU M 14 -25.49 4.79 -4.74
CA LEU M 14 -24.36 4.64 -3.78
C LEU M 14 -24.41 3.22 -3.19
N ASN M 15 -25.60 2.72 -2.88
CA ASN M 15 -25.77 1.36 -2.31
C ASN M 15 -25.22 0.32 -3.30
N GLN M 16 -25.52 0.46 -4.60
CA GLN M 16 -25.11 -0.56 -5.60
C GLN M 16 -23.62 -0.39 -5.95
N LEU M 17 -23.08 0.83 -5.99
CA LEU M 17 -21.62 1.07 -6.24
C LEU M 17 -20.80 0.42 -5.10
N GLU M 18 -21.19 0.63 -3.85
CA GLU M 18 -20.53 0.05 -2.64
C GLU M 18 -20.61 -1.49 -2.70
N ARG M 19 -21.75 -2.06 -3.06
CA ARG M 19 -21.92 -3.54 -3.15
C ARG M 19 -20.98 -4.03 -4.26
N SER M 20 -20.96 -3.34 -5.40
CA SER M 20 -20.12 -3.72 -6.55
C SER M 20 -18.66 -3.73 -6.10
N PHE M 21 -18.25 -2.73 -5.34
CA PHE M 21 -16.85 -2.52 -4.91
C PHE M 21 -16.44 -3.62 -3.93
N GLU M 22 -17.32 -4.02 -3.00
CA GLU M 22 -17.00 -5.09 -2.03
C GLU M 22 -16.79 -6.42 -2.77
N ARG M 23 -17.48 -6.63 -3.90
CA ARG M 23 -17.40 -7.87 -4.71
C ARG M 23 -16.16 -7.83 -5.62
N GLN M 24 -15.80 -6.65 -6.15
CA GLN M 24 -14.79 -6.48 -7.21
C GLN M 24 -14.17 -5.09 -7.12
N LYS M 25 -12.89 -5.01 -6.73
CA LYS M 25 -12.15 -3.72 -6.64
C LYS M 25 -11.97 -3.12 -8.04
N TYR M 26 -11.91 -3.93 -9.09
CA TYR M 26 -11.75 -3.50 -10.50
C TYR M 26 -12.82 -4.12 -11.39
N LEU M 27 -13.30 -3.36 -12.36
CA LEU M 27 -14.34 -3.79 -13.32
C LEU M 27 -13.74 -3.75 -14.73
N SER M 28 -13.86 -4.86 -15.47
CA SER M 28 -13.66 -4.90 -16.93
C SER M 28 -14.52 -3.82 -17.60
N VAL M 29 -14.22 -3.45 -18.83
CA VAL M 29 -15.04 -2.53 -19.67
C VAL M 29 -16.51 -2.96 -19.64
N GLN M 30 -16.78 -4.26 -19.88
CA GLN M 30 -18.15 -4.82 -20.05
C GLN M 30 -18.93 -4.74 -18.72
N ASP M 31 -18.28 -5.12 -17.60
CA ASP M 31 -18.89 -5.03 -16.26
C ASP M 31 -19.21 -3.58 -15.90
N ARG M 32 -18.31 -2.66 -16.26
CA ARG M 32 -18.45 -1.21 -15.96
C ARG M 32 -19.67 -0.67 -16.71
N MET M 33 -19.80 -1.01 -17.99
CA MET M 33 -20.88 -0.50 -18.86
C MET M 33 -22.21 -1.12 -18.41
N ASP M 34 -22.21 -2.40 -17.99
CA ASP M 34 -23.39 -3.11 -17.44
C ASP M 34 -23.86 -2.40 -16.15
N LEU M 35 -22.91 -2.03 -15.27
CA LEU M 35 -23.21 -1.38 -13.97
C LEU M 35 -23.84 0.00 -14.21
N ALA M 36 -23.18 0.82 -15.04
CA ALA M 36 -23.65 2.16 -15.44
C ALA M 36 -25.10 2.03 -15.94
N ALA M 37 -25.36 1.12 -16.88
CA ALA M 37 -26.69 0.89 -17.47
C ALA M 37 -27.71 0.54 -16.36
N ALA M 38 -27.33 -0.34 -15.43
CA ALA M 38 -28.20 -0.82 -14.34
C ALA M 38 -28.54 0.35 -13.40
N LEU M 39 -27.61 1.30 -13.22
CA LEU M 39 -27.80 2.44 -12.27
C LEU M 39 -28.25 3.70 -12.99
N ASN M 40 -28.32 3.67 -14.32
CA ASN M 40 -28.67 4.85 -15.14
C ASN M 40 -27.64 5.96 -14.87
N LEU M 41 -26.35 5.59 -14.89
CA LEU M 41 -25.21 6.54 -14.85
C LEU M 41 -24.42 6.40 -16.15
N THR M 42 -23.54 7.36 -16.41
CA THR M 42 -22.56 7.28 -17.52
C THR M 42 -21.43 6.34 -17.13
N ASP M 43 -20.84 5.72 -18.14
CA ASP M 43 -19.57 4.94 -18.03
C ASP M 43 -18.56 5.76 -17.20
N THR M 44 -18.39 7.05 -17.49
CA THR M 44 -17.35 7.92 -16.88
C THR M 44 -17.69 8.13 -15.41
N GLN M 45 -18.97 8.33 -15.06
CA GLN M 45 -19.42 8.50 -13.65
C GLN M 45 -19.04 7.27 -12.82
N VAL M 46 -19.23 6.07 -13.37
CA VAL M 46 -18.91 4.80 -12.67
C VAL M 46 -17.38 4.65 -12.60
N LYS M 47 -16.68 4.97 -13.69
CA LYS M 47 -15.20 4.87 -13.75
C LYS M 47 -14.63 5.76 -12.65
N THR M 48 -15.14 6.99 -12.53
CA THR M 48 -14.64 8.02 -11.58
C THR M 48 -14.98 7.57 -10.16
N TRP M 49 -16.20 7.08 -9.91
CA TRP M 49 -16.54 6.67 -8.53
C TRP M 49 -15.60 5.55 -8.10
N TYR M 50 -15.40 4.54 -8.96
CA TYR M 50 -14.55 3.37 -8.64
C TYR M 50 -13.13 3.87 -8.39
N GLN M 51 -12.62 4.78 -9.22
CA GLN M 51 -11.22 5.23 -9.11
C GLN M 51 -11.05 5.94 -7.77
N ASN M 52 -11.94 6.88 -7.45
CA ASN M 52 -11.85 7.68 -6.21
C ASN M 52 -12.00 6.73 -5.02
N ARG M 53 -12.85 5.71 -5.16
CA ARG M 53 -13.10 4.71 -4.09
C ARG M 53 -11.82 3.89 -3.86
N ARG M 54 -11.09 3.51 -4.93
CA ARG M 54 -9.83 2.76 -4.81
C ARG M 54 -8.79 3.64 -4.12
N THR M 55 -8.70 4.93 -4.45
CA THR M 55 -7.77 5.88 -3.76
C THR M 55 -8.05 5.85 -2.26
N LYS M 56 -9.33 5.99 -1.89
CA LYS M 56 -9.74 5.97 -0.46
C LYS M 56 -9.34 4.62 0.15
N TRP M 57 -9.62 3.53 -0.54
CA TRP M 57 -9.41 2.14 -0.06
C TRP M 57 -7.92 1.92 0.28
N LYS M 58 -7.01 2.46 -0.53
CA LYS M 58 -5.54 2.30 -0.35
C LYS M 58 -5.04 3.05 0.88
N ARG M 59 -5.76 4.05 1.41
CA ARG M 59 -5.45 4.65 2.74
C ARG M 59 -6.10 3.82 3.85
N GLN N 51 32.02 6.91 -22.00
CA GLN N 51 30.72 6.15 -21.83
C GLN N 51 30.27 6.30 -20.38
N ASN N 52 30.98 5.65 -19.46
CA ASN N 52 30.66 5.64 -18.01
C ASN N 52 30.88 7.06 -17.46
N ARG N 53 31.73 7.85 -18.16
CA ARG N 53 32.09 9.24 -17.76
C ARG N 53 31.15 10.26 -18.44
N ARG N 54 30.75 9.98 -19.68
CA ARG N 54 29.69 10.76 -20.41
C ARG N 54 28.33 10.46 -19.75
N THR N 55 28.28 9.51 -18.79
CA THR N 55 27.04 9.08 -18.08
C THR N 55 27.07 9.51 -16.61
N LYS N 56 28.27 9.70 -16.04
CA LYS N 56 28.49 10.45 -14.76
C LYS N 56 28.22 11.94 -15.02
N TRP N 57 28.78 12.51 -16.10
CA TRP N 57 28.58 13.92 -16.53
C TRP N 57 27.07 14.24 -16.64
N LYS N 58 26.25 13.23 -16.97
CA LYS N 58 24.76 13.26 -16.95
C LYS N 58 24.22 12.41 -15.77
#